data_1U7I
#
_entry.id   1U7I
#
_cell.length_a   77.847
_cell.length_b   80.537
_cell.length_c   96.340
_cell.angle_alpha   90.00
_cell.angle_beta   90.00
_cell.angle_gamma   90.00
#
_symmetry.space_group_name_H-M   'C 2 2 21'
#
loop_
_entity.id
_entity.type
_entity.pdbx_description
1 polymer 'hypothetical protein'
2 water water
#
_entity_poly.entity_id   1
_entity_poly.type   'polypeptide(L)'
_entity_poly.pdbx_seq_one_letter_code
;GH(MSE)SARVRPFL(MSE)FQGVQAEAA(MSE)NFYLSLFDDAEILQIQRYGAEGPGPEGSVLKALFRLGDQSVHCIDS
HVRHAFDFTPAFSFFVDCESNAQIERLAEALSDGGKAL(MSE)PLGDYGFSQRFAWLADRFGVSWQLNLAGS
;
_entity_poly.pdbx_strand_id   A,B
#
# COMPACT_ATOMS: atom_id res chain seq x y z
N HIS A 2 15.48 -15.54 -8.49
CA HIS A 2 14.16 -14.92 -8.21
C HIS A 2 14.08 -13.59 -8.95
N SER A 4 13.48 -10.21 -11.44
CA SER A 4 12.91 -8.86 -11.45
C SER A 4 11.40 -8.93 -11.64
N ALA A 5 10.68 -8.03 -11.00
CA ALA A 5 9.26 -7.84 -11.24
C ALA A 5 8.93 -6.47 -10.71
N ARG A 6 8.00 -5.78 -11.33
CA ARG A 6 7.62 -4.46 -10.82
C ARG A 6 6.56 -4.68 -9.74
N VAL A 7 6.82 -4.13 -8.55
CA VAL A 7 5.89 -4.19 -7.42
C VAL A 7 5.44 -2.76 -7.13
N ARG A 8 4.12 -2.56 -7.09
CA ARG A 8 3.54 -1.25 -6.81
C ARG A 8 2.31 -1.38 -5.90
N PRO A 9 2.04 -0.35 -5.11
CA PRO A 9 0.79 -0.34 -4.34
C PRO A 9 -0.44 -0.24 -5.26
N PHE A 10 -1.56 -0.72 -4.75
CA PHE A 10 -2.80 -0.81 -5.53
C PHE A 10 -3.98 -0.53 -4.62
N LEU A 11 -4.80 0.43 -5.04
CA LEU A 11 -6.02 0.78 -4.33
C LEU A 11 -7.23 0.24 -5.07
N PHE A 13 -11.09 0.58 -5.06
CA PHE A 13 -12.26 1.30 -4.57
C PHE A 13 -13.49 0.52 -4.91
N GLN A 14 -14.44 0.53 -4.00
CA GLN A 14 -15.69 -0.15 -4.26
C GLN A 14 -16.73 0.86 -4.78
N GLY A 15 -17.44 0.45 -5.82
CA GLY A 15 -18.35 1.34 -6.48
C GLY A 15 -17.57 2.23 -7.44
N VAL A 16 -17.90 3.51 -7.48
CA VAL A 16 -17.31 4.44 -8.45
C VAL A 16 -16.66 5.60 -7.66
N GLN A 17 -15.36 5.49 -7.41
CA GLN A 17 -14.64 6.47 -6.63
C GLN A 17 -13.22 6.73 -7.14
N ALA A 18 -12.66 5.88 -7.99
CA ALA A 18 -11.22 5.94 -8.26
C ALA A 18 -10.80 7.23 -8.95
N GLU A 19 -11.57 7.69 -9.93
CA GLU A 19 -11.19 8.92 -10.61
C GLU A 19 -11.33 10.15 -9.69
N ALA A 20 -12.36 10.18 -8.86
CA ALA A 20 -12.50 11.23 -7.86
C ALA A 20 -11.32 11.19 -6.88
N ALA A 21 -10.92 10.00 -6.46
CA ALA A 21 -9.80 9.87 -5.55
C ALA A 21 -8.50 10.33 -6.21
N ASN A 23 -8.13 12.44 -8.71
CA ASN A 23 -8.18 13.88 -8.91
C ASN A 23 -7.89 14.59 -7.58
N PHE A 24 -8.44 14.04 -6.49
CA PHE A 24 -8.20 14.59 -5.14
C PHE A 24 -6.70 14.51 -4.78
N TYR A 25 -6.11 13.34 -4.93
CA TYR A 25 -4.71 13.18 -4.57
C TYR A 25 -3.81 14.06 -5.41
N LEU A 26 -4.13 14.20 -6.71
CA LEU A 26 -3.34 15.04 -7.58
C LEU A 26 -3.41 16.50 -7.13
N SER A 27 -4.51 16.91 -6.50
CA SER A 27 -4.65 18.29 -6.01
C SER A 27 -3.80 18.56 -4.78
N LEU A 28 -3.28 17.51 -4.14
CA LEU A 28 -2.52 17.63 -2.90
C LEU A 28 -1.02 17.75 -3.12
N PHE A 29 -0.53 17.31 -4.26
CA PHE A 29 0.88 17.22 -4.57
C PHE A 29 1.20 17.85 -5.91
N ASP A 30 2.28 18.62 -5.96
CA ASP A 30 2.59 19.33 -7.19
C ASP A 30 3.10 18.41 -8.28
N ASP A 31 3.96 17.49 -7.90
CA ASP A 31 4.58 16.57 -8.85
C ASP A 31 3.69 15.36 -8.91
N ALA A 32 2.55 15.46 -9.58
CA ALA A 32 1.62 14.33 -9.58
C ALA A 32 0.84 14.32 -10.86
N GLU A 33 0.57 13.14 -11.41
CA GLU A 33 -0.19 13.07 -12.64
C GLU A 33 -0.83 11.72 -12.76
N ILE A 34 -1.86 11.66 -13.60
CA ILE A 34 -2.41 10.39 -14.03
C ILE A 34 -1.58 9.88 -15.21
N LEU A 35 -0.96 8.72 -15.08
CA LEU A 35 -0.10 8.16 -16.11
C LEU A 35 -0.87 7.35 -17.17
N GLN A 36 -1.86 6.58 -16.70
CA GLN A 36 -2.66 5.68 -17.55
C GLN A 36 -4.06 5.65 -16.97
N ILE A 37 -5.07 5.71 -17.83
CA ILE A 37 -6.43 5.51 -17.37
C ILE A 37 -7.23 4.86 -18.49
N GLN A 38 -7.97 3.84 -18.12
CA GLN A 38 -8.88 3.18 -19.03
C GLN A 38 -10.19 3.08 -18.29
N ARG A 39 -11.24 3.64 -18.91
CA ARG A 39 -12.58 3.62 -18.34
C ARG A 39 -13.39 2.56 -19.07
N TYR A 40 -14.36 1.99 -18.38
CA TYR A 40 -15.30 1.06 -19.02
C TYR A 40 -16.09 1.82 -20.06
N GLY A 41 -16.28 1.18 -21.21
CA GLY A 41 -17.30 1.60 -22.15
C GLY A 41 -18.62 0.98 -21.74
N ALA A 42 -19.44 0.63 -22.74
CA ALA A 42 -20.75 0.05 -22.50
C ALA A 42 -20.74 -1.46 -22.30
N GLU A 43 -19.56 -2.07 -22.42
CA GLU A 43 -19.40 -3.52 -22.46
C GLU A 43 -19.44 -4.23 -21.11
N GLY A 44 -19.23 -3.47 -20.04
CA GLY A 44 -19.15 -4.04 -18.70
C GLY A 44 -17.83 -4.76 -18.46
N PRO A 45 -17.68 -5.47 -17.34
CA PRO A 45 -18.73 -5.59 -16.31
C PRO A 45 -18.96 -4.40 -15.39
N GLY A 46 -18.06 -3.43 -15.32
CA GLY A 46 -18.29 -2.25 -14.50
C GLY A 46 -19.11 -1.21 -15.24
N PRO A 47 -19.65 -0.24 -14.52
CA PRO A 47 -20.45 0.83 -15.14
C PRO A 47 -19.63 1.68 -16.10
N GLU A 48 -20.24 2.02 -17.23
CA GLU A 48 -19.60 2.90 -18.22
C GLU A 48 -19.10 4.19 -17.58
N GLY A 49 -17.84 4.51 -17.85
CA GLY A 49 -17.23 5.71 -17.31
C GLY A 49 -16.47 5.49 -16.03
N SER A 50 -16.68 4.37 -15.34
CA SER A 50 -15.89 4.04 -14.17
C SER A 50 -14.52 3.54 -14.59
N VAL A 51 -13.62 3.45 -13.64
CA VAL A 51 -12.24 3.08 -13.94
C VAL A 51 -12.03 1.58 -14.00
N LEU A 52 -11.73 1.09 -15.21
CA LEU A 52 -11.34 -0.28 -15.40
C LEU A 52 -9.92 -0.55 -14.81
N LYS A 53 -9.00 0.32 -15.17
CA LYS A 53 -7.64 0.28 -14.65
C LYS A 53 -7.02 1.67 -14.82
N ALA A 54 -6.27 2.09 -13.81
CA ALA A 54 -5.52 3.35 -13.88
C ALA A 54 -4.22 3.25 -13.09
N LEU A 55 -3.28 4.10 -13.47
CA LEU A 55 -2.00 4.27 -12.80
C LEU A 55 -1.76 5.77 -12.66
N PHE A 56 -1.48 6.23 -11.44
CA PHE A 56 -1.16 7.63 -11.20
C PHE A 56 0.15 7.68 -10.42
N ARG A 57 0.75 8.87 -10.32
CA ARG A 57 1.94 8.97 -9.50
C ARG A 57 1.88 10.21 -8.67
N LEU A 58 2.42 10.07 -7.46
CA LEU A 58 2.60 11.15 -6.51
C LEU A 58 4.09 11.21 -6.29
N GLY A 59 4.69 12.26 -6.83
CA GLY A 59 6.14 12.28 -6.92
C GLY A 59 6.66 11.09 -7.69
N ASP A 60 7.66 10.42 -7.14
CA ASP A 60 8.24 9.29 -7.81
C ASP A 60 7.51 7.99 -7.51
N GLN A 61 6.35 8.08 -6.88
CA GLN A 61 5.62 6.88 -6.48
C GLN A 61 4.39 6.63 -7.34
N SER A 62 4.41 5.57 -8.14
CA SER A 62 3.22 5.23 -8.93
C SER A 62 2.34 4.26 -8.15
N VAL A 63 1.04 4.40 -8.39
CA VAL A 63 -0.01 3.71 -7.65
C VAL A 63 -1.06 3.24 -8.67
N HIS A 64 -1.42 1.98 -8.61
CA HIS A 64 -2.54 1.44 -9.40
C HIS A 64 -3.85 1.71 -8.69
N CYS A 65 -4.93 1.83 -9.44
CA CYS A 65 -6.25 1.75 -8.81
C CYS A 65 -7.30 1.29 -9.80
N ILE A 66 -8.42 0.84 -9.24
CA ILE A 66 -9.58 0.42 -10.00
C ILE A 66 -10.83 0.82 -9.26
N ASP A 67 -11.93 0.87 -10.01
CA ASP A 67 -13.27 0.79 -9.45
C ASP A 67 -13.76 -0.62 -9.54
N SER A 68 -14.14 -1.19 -8.40
CA SER A 68 -14.67 -2.54 -8.35
C SER A 68 -16.19 -2.48 -8.27
N HIS A 69 -16.84 -3.07 -9.26
CA HIS A 69 -18.29 -3.18 -9.26
C HIS A 69 -18.76 -4.29 -8.30
N VAL A 70 -17.85 -5.18 -7.92
CA VAL A 70 -18.08 -6.17 -6.89
C VAL A 70 -17.81 -5.56 -5.53
N ARG A 71 -18.81 -5.63 -4.66
CA ARG A 71 -18.71 -5.15 -3.32
C ARG A 71 -18.34 -6.28 -2.37
N HIS A 72 -17.61 -5.88 -1.33
CA HIS A 72 -17.15 -6.77 -0.27
C HIS A 72 -17.42 -6.17 1.10
N ALA A 73 -17.28 -6.98 2.14
CA ALA A 73 -17.52 -6.49 3.50
C ALA A 73 -16.36 -5.60 4.05
N PHE A 74 -15.18 -5.84 3.52
CA PHE A 74 -14.01 -5.16 4.00
C PHE A 74 -13.89 -3.76 3.39
N ASP A 75 -12.98 -2.98 3.95
CA ASP A 75 -12.68 -1.63 3.50
C ASP A 75 -11.21 -1.40 3.72
N PHE A 76 -10.74 -0.22 3.34
CA PHE A 76 -9.42 0.24 3.75
C PHE A 76 -9.31 0.23 5.27
N THR A 77 -8.12 -0.08 5.75
CA THR A 77 -7.84 -0.01 7.18
C THR A 77 -6.46 0.61 7.42
N PRO A 78 -6.15 0.97 8.66
CA PRO A 78 -4.83 1.53 8.94
C PRO A 78 -3.65 0.55 8.82
N ALA A 79 -3.90 -0.73 8.55
CA ALA A 79 -2.79 -1.67 8.48
C ALA A 79 -1.87 -1.40 7.31
N PHE A 80 -2.40 -0.90 6.21
CA PHE A 80 -1.67 -0.66 4.97
C PHE A 80 -2.03 0.78 4.61
N SER A 81 -1.03 1.67 4.64
CA SER A 81 -1.24 3.10 4.50
C SER A 81 -0.22 3.72 3.57
N PHE A 82 -0.47 4.98 3.21
CA PHE A 82 0.60 5.81 2.65
C PHE A 82 1.28 6.55 3.77
N PHE A 83 2.60 6.71 3.64
CA PHE A 83 3.40 7.49 4.56
C PHE A 83 4.07 8.58 3.76
N VAL A 84 3.91 9.82 4.20
CA VAL A 84 4.42 10.97 3.49
C VAL A 84 5.47 11.67 4.32
N ASP A 85 6.68 11.72 3.78
CA ASP A 85 7.74 12.52 4.37
C ASP A 85 7.51 13.94 3.90
N CYS A 86 6.97 14.78 4.78
CA CYS A 86 6.62 16.16 4.45
C CYS A 86 7.85 17.05 4.52
N GLU A 87 7.82 18.13 3.76
CA GLU A 87 8.96 19.06 3.62
C GLU A 87 8.99 20.15 4.67
N SER A 88 7.83 20.56 5.16
CA SER A 88 7.68 21.78 5.94
C SER A 88 6.45 21.75 6.79
N ASN A 89 6.40 22.65 7.77
CA ASN A 89 5.19 22.86 8.53
C ASN A 89 4.00 23.29 7.68
N ALA A 90 4.25 24.19 6.73
CA ALA A 90 3.24 24.65 5.81
C ALA A 90 2.58 23.47 5.10
N GLN A 91 3.42 22.57 4.58
CA GLN A 91 2.94 21.42 3.82
C GLN A 91 2.16 20.45 4.71
N ILE A 92 2.67 20.13 5.88
CA ILE A 92 1.97 19.16 6.72
C ILE A 92 0.62 19.71 7.19
N GLU A 93 0.57 21.00 7.47
CA GLU A 93 -0.70 21.61 7.89
C GLU A 93 -1.72 21.58 6.75
N ARG A 94 -1.30 21.93 5.55
CA ARG A 94 -2.17 21.89 4.38
C ARG A 94 -2.69 20.47 4.09
N LEU A 95 -1.79 19.52 4.09
CA LEU A 95 -2.16 18.15 3.81
C LEU A 95 -3.06 17.58 4.90
N ALA A 96 -2.76 17.84 6.17
CA ALA A 96 -3.62 17.35 7.24
C ALA A 96 -5.04 17.90 7.13
N GLU A 97 -5.15 19.18 6.81
CA GLU A 97 -6.46 19.82 6.67
C GLU A 97 -7.22 19.18 5.51
N ALA A 98 -6.54 19.02 4.37
CA ALA A 98 -7.20 18.52 3.16
C ALA A 98 -7.61 17.08 3.36
N LEU A 99 -6.70 16.26 3.88
CA LEU A 99 -6.98 14.85 4.02
C LEU A 99 -8.05 14.54 5.07
N SER A 100 -8.14 15.35 6.11
CA SER A 100 -9.11 15.08 7.15
C SER A 100 -10.50 15.64 6.79
N ASP A 101 -10.59 16.47 5.75
CA ASP A 101 -11.86 17.05 5.30
C ASP A 101 -12.78 15.99 4.72
N GLY A 102 -13.86 15.69 5.42
CA GLY A 102 -14.70 14.58 5.07
C GLY A 102 -14.11 13.23 5.47
N GLY A 103 -12.98 13.26 6.15
CA GLY A 103 -12.31 12.07 6.68
C GLY A 103 -12.27 12.02 8.18
N LYS A 104 -11.26 11.36 8.73
CA LYS A 104 -11.14 11.20 10.18
C LYS A 104 -9.71 11.47 10.59
N ALA A 105 -9.54 12.21 11.66
CA ALA A 105 -8.23 12.45 12.21
C ALA A 105 -7.99 11.39 13.29
N LEU A 106 -7.45 10.24 12.88
CA LEU A 106 -7.20 9.13 13.81
C LEU A 106 -6.16 9.54 14.84
N PRO A 108 -4.68 13.28 15.41
CA PRO A 108 -4.64 14.65 14.94
C PRO A 108 -3.22 15.22 14.92
N LEU A 109 -2.99 16.15 14.01
CA LEU A 109 -1.67 16.76 13.82
C LEU A 109 -1.10 17.26 15.16
N GLY A 110 0.11 16.84 15.47
CA GLY A 110 0.76 17.23 16.72
C GLY A 110 2.17 16.73 16.77
N ASP A 111 2.83 17.00 17.89
CA ASP A 111 4.17 16.53 18.11
C ASP A 111 4.02 15.32 19.01
N TYR A 112 4.26 14.13 18.46
CA TYR A 112 4.10 12.88 19.19
C TYR A 112 5.45 12.38 19.75
N GLY A 113 6.47 13.21 19.61
CA GLY A 113 7.73 13.00 20.31
C GLY A 113 8.84 12.36 19.52
N PHE A 114 8.54 11.80 18.35
CA PHE A 114 9.52 11.10 17.50
C PHE A 114 9.88 11.90 16.25
N SER A 115 9.22 13.03 16.08
CA SER A 115 9.45 13.93 14.97
C SER A 115 8.89 15.30 15.31
N GLN A 116 9.11 16.25 14.43
CA GLN A 116 8.61 17.59 14.66
C GLN A 116 7.07 17.63 14.69
N ARG A 117 6.46 16.94 13.72
CA ARG A 117 4.99 16.92 13.59
C ARG A 117 4.60 15.59 12.95
N PHE A 118 3.45 15.08 13.35
CA PHE A 118 2.91 13.82 12.78
C PHE A 118 1.41 13.87 12.81
N ALA A 119 0.77 13.29 11.81
CA ALA A 119 -0.67 13.08 11.83
C ALA A 119 -1.00 11.74 11.18
N TRP A 120 -2.08 11.13 11.61
CA TRP A 120 -2.64 9.95 10.94
C TRP A 120 -4.08 10.26 10.58
N LEU A 121 -4.35 10.37 9.28
CA LEU A 121 -5.69 10.64 8.78
C LEU A 121 -6.24 9.48 8.00
N ALA A 122 -7.54 9.31 8.05
CA ALA A 122 -8.24 8.50 7.07
C ALA A 122 -8.97 9.47 6.18
N ASP A 123 -8.73 9.43 4.89
CA ASP A 123 -9.32 10.38 3.98
C ASP A 123 -10.80 10.06 3.74
N ARG A 124 -11.44 10.88 2.91
CA ARG A 124 -12.87 10.76 2.67
C ARG A 124 -13.20 9.51 1.90
N PHE A 125 -12.20 8.83 1.33
CA PHE A 125 -12.36 7.54 0.67
C PHE A 125 -12.04 6.34 1.59
N GLY A 126 -11.60 6.65 2.80
CA GLY A 126 -11.23 5.66 3.80
C GLY A 126 -9.75 5.29 3.87
N VAL A 127 -8.94 5.83 2.96
CA VAL A 127 -7.54 5.46 2.86
C VAL A 127 -6.73 6.13 3.97
N SER A 128 -5.85 5.38 4.62
CA SER A 128 -4.99 5.92 5.68
C SER A 128 -3.78 6.61 5.09
N TRP A 129 -3.53 7.81 5.63
CA TRP A 129 -2.38 8.63 5.34
C TRP A 129 -1.67 9.01 6.61
N GLN A 130 -0.38 8.67 6.68
CA GLN A 130 0.48 9.16 7.73
C GLN A 130 1.30 10.32 7.18
N LEU A 131 1.33 11.44 7.91
CA LEU A 131 2.11 12.58 7.50
C LEU A 131 3.18 12.80 8.57
N ASN A 132 4.44 12.88 8.14
CA ASN A 132 5.53 13.08 9.08
C ASN A 132 6.40 14.24 8.66
N LEU A 133 6.72 15.12 9.62
CA LEU A 133 7.72 16.16 9.39
C LEU A 133 8.90 15.84 10.29
N ALA A 134 9.99 15.35 9.70
CA ALA A 134 11.16 14.90 10.47
C ALA A 134 11.75 16.11 11.19
N GLY A 135 12.31 15.94 12.38
CA GLY A 135 13.02 14.74 12.77
C GLY A 135 12.17 13.73 13.48
N SER B 4 12.19 16.85 -2.09
CA SER B 4 10.74 16.91 -2.26
C SER B 4 10.03 15.87 -1.41
N ALA B 5 8.79 16.15 -1.07
CA ALA B 5 7.99 15.19 -0.30
C ALA B 5 7.94 13.82 -0.99
N ARG B 6 8.04 12.79 -0.16
CA ARG B 6 8.08 11.43 -0.63
C ARG B 6 6.87 10.68 -0.08
N VAL B 7 6.19 9.94 -0.95
CA VAL B 7 5.04 9.11 -0.59
C VAL B 7 5.42 7.66 -0.82
N ARG B 8 5.23 6.83 0.20
CA ARG B 8 5.56 5.42 0.08
C ARG B 8 4.52 4.58 0.79
N PRO B 9 4.32 3.33 0.39
CA PRO B 9 3.46 2.44 1.14
C PRO B 9 4.08 2.07 2.49
N PHE B 10 3.22 1.71 3.45
CA PHE B 10 3.64 1.43 4.82
C PHE B 10 2.78 0.31 5.37
N LEU B 11 3.47 -0.68 5.92
CA LEU B 11 2.85 -1.87 6.50
C LEU B 11 3.01 -1.83 8.02
N PHE B 13 2.57 -4.07 11.12
CA PHE B 13 2.38 -5.40 11.65
C PHE B 13 2.05 -5.32 13.12
N GLN B 14 1.14 -6.15 13.57
CA GLN B 14 0.78 -6.18 14.98
C GLN B 14 1.54 -7.32 15.62
N GLY B 15 2.09 -7.07 16.79
CA GLY B 15 2.97 -8.01 17.44
C GLY B 15 4.35 -7.93 16.83
N VAL B 16 5.02 -9.06 16.69
CA VAL B 16 6.40 -9.09 16.21
C VAL B 16 6.46 -9.91 14.94
N GLN B 17 6.41 -9.21 13.81
CA GLN B 17 6.36 -9.83 12.50
C GLN B 17 7.14 -9.15 11.39
N ALA B 18 7.53 -7.89 11.56
CA ALA B 18 8.06 -7.12 10.46
C ALA B 18 9.36 -7.67 9.91
N GLU B 19 10.28 -8.07 10.78
CA GLU B 19 11.54 -8.62 10.30
C GLU B 19 11.32 -9.95 9.60
N ALA B 20 10.46 -10.79 10.14
CA ALA B 20 10.13 -12.03 9.47
C ALA B 20 9.53 -11.73 8.10
N ALA B 21 8.65 -10.74 8.01
CA ALA B 21 8.00 -10.43 6.75
C ALA B 21 9.02 -9.89 5.76
N ASN B 23 12.22 -10.43 5.67
CA ASN B 23 13.11 -11.54 5.24
C ASN B 23 12.37 -12.46 4.26
N PHE B 24 11.10 -12.71 4.52
CA PHE B 24 10.29 -13.49 3.60
C PHE B 24 10.18 -12.78 2.23
N TYR B 25 9.83 -11.50 2.20
CA TYR B 25 9.73 -10.81 0.92
C TYR B 25 11.07 -10.76 0.18
N LEU B 26 12.16 -10.55 0.90
CA LEU B 26 13.50 -10.58 0.28
C LEU B 26 13.81 -11.95 -0.30
N SER B 27 13.25 -13.02 0.26
CA SER B 27 13.44 -14.36 -0.27
C SER B 27 12.65 -14.63 -1.53
N LEU B 28 11.72 -13.73 -1.88
CA LEU B 28 10.91 -13.88 -3.08
C LEU B 28 11.45 -13.15 -4.28
N PHE B 29 12.26 -12.12 -4.08
CA PHE B 29 12.77 -11.25 -5.15
C PHE B 29 14.27 -11.08 -4.88
N ASP B 30 15.14 -11.47 -5.81
CA ASP B 30 16.59 -11.35 -5.54
C ASP B 30 17.05 -9.91 -5.44
N ASP B 31 16.51 -9.04 -6.30
CA ASP B 31 16.86 -7.62 -6.28
C ASP B 31 16.01 -6.97 -5.20
N ALA B 32 16.47 -7.07 -3.97
CA ALA B 32 15.74 -6.62 -2.80
C ALA B 32 16.70 -6.48 -1.64
N GLU B 33 16.44 -5.53 -0.76
CA GLU B 33 17.21 -5.42 0.46
C GLU B 33 16.54 -4.55 1.50
N ILE B 34 17.01 -4.71 2.71
CA ILE B 34 16.63 -3.85 3.81
C ILE B 34 17.51 -2.59 3.76
N LEU B 35 16.86 -1.45 3.60
CA LEU B 35 17.50 -0.14 3.48
C LEU B 35 17.75 0.54 4.80
N GLN B 36 16.86 0.33 5.76
CA GLN B 36 16.94 0.98 7.06
C GLN B 36 16.29 0.07 8.07
N ILE B 37 16.89 -0.09 9.24
CA ILE B 37 16.26 -0.80 10.34
C ILE B 37 16.66 -0.22 11.66
N GLN B 38 15.66 -0.01 12.50
CA GLN B 38 15.84 0.43 13.89
C GLN B 38 14.99 -0.48 14.74
N ARG B 39 15.61 -1.01 15.80
CA ARG B 39 14.97 -1.91 16.72
C ARG B 39 14.69 -1.28 18.09
N TYR B 40 13.64 -1.76 18.75
CA TYR B 40 13.45 -1.41 20.16
C TYR B 40 14.58 -2.03 20.98
N GLY B 41 14.98 -1.29 22.02
CA GLY B 41 15.89 -1.79 23.02
C GLY B 41 15.15 -2.39 24.19
N ALA B 42 15.85 -2.50 25.33
CA ALA B 42 15.28 -3.10 26.55
C ALA B 42 14.26 -2.22 27.25
N GLU B 43 14.19 -0.95 26.88
CA GLU B 43 13.35 0.02 27.55
C GLU B 43 11.93 0.05 26.99
N GLY B 44 11.66 -0.68 25.91
CA GLY B 44 10.32 -0.72 25.38
C GLY B 44 9.98 0.53 24.59
N PRO B 45 8.70 0.78 24.29
CA PRO B 45 7.57 -0.09 24.71
C PRO B 45 7.38 -1.39 23.92
N GLY B 46 7.99 -1.53 22.76
CA GLY B 46 7.91 -2.79 22.05
C GLY B 46 8.92 -3.80 22.58
N PRO B 47 8.75 -5.08 22.29
CA PRO B 47 9.74 -6.09 22.70
C PRO B 47 11.14 -5.80 22.16
N GLU B 48 12.15 -6.04 22.98
CA GLU B 48 13.51 -5.80 22.57
C GLU B 48 13.80 -6.58 21.31
N GLY B 49 14.35 -5.89 20.31
CA GLY B 49 14.71 -6.51 19.05
C GLY B 49 13.64 -6.43 17.97
N SER B 50 12.41 -6.13 18.38
CA SER B 50 11.31 -5.93 17.41
C SER B 50 11.57 -4.62 16.64
N VAL B 51 10.84 -4.42 15.54
CA VAL B 51 11.10 -3.31 14.63
C VAL B 51 10.39 -2.06 15.06
N LEU B 52 11.17 -1.08 15.49
CA LEU B 52 10.68 0.23 15.74
C LEU B 52 10.28 0.91 14.42
N LYS B 53 11.17 0.84 13.43
CA LYS B 53 10.89 1.38 12.09
C LYS B 53 11.89 0.77 11.14
N ALA B 54 11.43 0.42 9.94
CA ALA B 54 12.30 -0.11 8.91
C ALA B 54 11.79 0.33 7.52
N LEU B 55 12.69 0.22 6.57
CA LEU B 55 12.43 0.48 5.16
C LEU B 55 13.11 -0.58 4.36
N PHE B 56 12.41 -1.22 3.45
CA PHE B 56 12.99 -2.24 2.58
C PHE B 56 12.58 -1.92 1.15
N ARG B 57 13.27 -2.51 0.19
CA ARG B 57 12.86 -2.36 -1.19
C ARG B 57 12.77 -3.72 -1.87
N LEU B 58 11.80 -3.79 -2.77
CA LEU B 58 11.62 -4.93 -3.69
C LEU B 58 11.77 -4.32 -5.08
N GLY B 59 12.90 -4.60 -5.72
CA GLY B 59 13.27 -3.87 -6.91
C GLY B 59 13.36 -2.40 -6.60
N ASP B 60 12.67 -1.61 -7.42
CA ASP B 60 12.68 -0.17 -7.30
C ASP B 60 11.58 0.41 -6.40
N GLN B 61 10.91 -0.44 -5.64
CA GLN B 61 9.83 -0.03 -4.76
C GLN B 61 10.22 -0.17 -3.30
N SER B 62 10.32 0.98 -2.62
CA SER B 62 10.58 0.98 -1.17
C SER B 62 9.28 0.99 -0.39
N VAL B 63 9.36 0.42 0.80
CA VAL B 63 8.20 0.14 1.62
C VAL B 63 8.63 0.32 3.08
N HIS B 64 7.87 1.09 3.82
CA HIS B 64 8.09 1.20 5.25
C HIS B 64 7.38 0.09 6.00
N CYS B 65 7.88 -0.27 7.18
CA CYS B 65 7.12 -1.12 8.08
C CYS B 65 7.53 -0.92 9.51
N ILE B 66 6.65 -1.38 10.39
CA ILE B 66 6.87 -1.39 11.83
C ILE B 66 6.24 -2.62 12.44
N ASP B 67 6.71 -2.95 13.63
CA ASP B 67 5.99 -3.76 14.60
C ASP B 67 5.27 -2.86 15.56
N SER B 68 4.01 -3.15 15.80
CA SER B 68 3.23 -2.45 16.79
C SER B 68 2.87 -3.37 17.94
N HIS B 69 3.28 -2.99 19.14
CA HIS B 69 2.93 -3.76 20.33
C HIS B 69 1.45 -3.58 20.67
N VAL B 70 0.84 -2.52 20.17
CA VAL B 70 -0.59 -2.31 20.29
C VAL B 70 -1.33 -3.03 19.18
N ARG B 71 -2.27 -3.88 19.56
CA ARG B 71 -3.15 -4.60 18.65
C ARG B 71 -4.43 -3.80 18.47
N HIS B 72 -5.04 -3.99 17.31
CA HIS B 72 -6.29 -3.31 16.91
C HIS B 72 -7.27 -4.31 16.35
N ALA B 73 -8.54 -3.92 16.19
CA ALA B 73 -9.52 -4.87 15.66
C ALA B 73 -9.33 -5.13 14.14
N PHE B 74 -8.73 -4.18 13.48
CA PHE B 74 -8.56 -4.32 12.05
C PHE B 74 -7.29 -5.04 11.70
N ASP B 75 -7.22 -5.44 10.44
CA ASP B 75 -6.00 -6.08 9.89
C ASP B 75 -5.87 -5.62 8.44
N PHE B 76 -4.87 -6.17 7.77
CA PHE B 76 -4.76 -6.00 6.35
C PHE B 76 -6.03 -6.49 5.66
N THR B 77 -6.41 -5.80 4.62
CA THR B 77 -7.53 -6.25 3.77
C THR B 77 -7.16 -6.14 2.31
N PRO B 78 -7.96 -6.73 1.44
CA PRO B 78 -7.70 -6.61 0.01
C PRO B 78 -7.89 -5.20 -0.59
N ALA B 79 -8.39 -4.22 0.16
CA ALA B 79 -8.62 -2.89 -0.39
C ALA B 79 -7.32 -2.20 -0.82
N PHE B 80 -6.24 -2.49 -0.10
CA PHE B 80 -4.93 -1.90 -0.34
C PHE B 80 -3.95 -3.07 -0.40
N SER B 81 -3.31 -3.22 -1.56
CA SER B 81 -2.52 -4.39 -1.86
C SER B 81 -1.26 -4.03 -2.60
N PHE B 82 -0.38 -5.03 -2.75
CA PHE B 82 0.69 -4.92 -3.73
C PHE B 82 0.25 -5.60 -5.01
N PHE B 83 0.65 -5.02 -6.13
CA PHE B 83 0.39 -5.58 -7.46
C PHE B 83 1.75 -5.81 -8.13
N VAL B 84 1.98 -7.06 -8.57
CA VAL B 84 3.25 -7.47 -9.12
C VAL B 84 3.08 -7.78 -10.60
N ASP B 85 3.79 -7.05 -11.45
CA ASP B 85 3.87 -7.37 -12.87
C ASP B 85 4.93 -8.44 -13.03
N CYS B 86 4.52 -9.70 -13.17
CA CYS B 86 5.45 -10.83 -13.26
C CYS B 86 6.00 -10.92 -14.69
N GLU B 87 7.19 -11.52 -14.80
CA GLU B 87 7.97 -11.59 -16.04
C GLU B 87 7.78 -12.92 -16.77
N SER B 88 7.41 -13.96 -16.04
CA SER B 88 7.26 -15.29 -16.61
C SER B 88 6.28 -16.13 -15.84
N ASN B 89 5.81 -17.21 -16.48
CA ASN B 89 5.00 -18.21 -15.87
C ASN B 89 5.67 -18.88 -14.69
N ALA B 90 6.97 -19.19 -14.81
CA ALA B 90 7.67 -19.82 -13.70
C ALA B 90 7.66 -18.90 -12.49
N GLN B 91 7.84 -17.60 -12.74
CA GLN B 91 7.86 -16.62 -11.64
C GLN B 91 6.49 -16.53 -10.97
N ILE B 92 5.42 -16.39 -11.76
CA ILE B 92 4.08 -16.28 -11.14
C ILE B 92 3.70 -17.56 -10.37
N GLU B 93 4.08 -18.74 -10.90
CA GLU B 93 3.81 -19.99 -10.19
C GLU B 93 4.57 -20.06 -8.86
N ARG B 94 5.83 -19.65 -8.86
CA ARG B 94 6.64 -19.68 -7.64
C ARG B 94 6.10 -18.71 -6.60
N LEU B 95 5.82 -17.49 -7.06
CA LEU B 95 5.29 -16.44 -6.18
C LEU B 95 3.93 -16.83 -5.63
N ALA B 96 3.04 -17.39 -6.45
CA ALA B 96 1.70 -17.74 -5.97
C ALA B 96 1.78 -18.82 -4.92
N GLU B 97 2.66 -19.80 -5.15
CA GLU B 97 2.84 -20.85 -4.18
C GLU B 97 3.43 -20.35 -2.85
N ALA B 98 4.47 -19.53 -2.92
CA ALA B 98 5.11 -18.99 -1.73
C ALA B 98 4.19 -18.09 -0.94
N LEU B 99 3.50 -17.19 -1.65
CA LEU B 99 2.64 -16.22 -0.97
C LEU B 99 1.42 -16.91 -0.36
N SER B 100 0.87 -17.92 -1.00
CA SER B 100 -0.32 -18.58 -0.43
C SER B 100 0.01 -19.60 0.69
N ASP B 101 1.30 -19.91 0.85
CA ASP B 101 1.76 -20.84 1.89
C ASP B 101 1.59 -20.26 3.30
N GLY B 102 0.68 -20.84 4.08
CA GLY B 102 0.29 -20.26 5.36
C GLY B 102 -0.64 -19.07 5.21
N GLY B 103 -1.04 -18.80 3.98
CA GLY B 103 -1.98 -17.72 3.67
C GLY B 103 -3.22 -18.27 3.00
N LYS B 104 -3.85 -17.46 2.15
CA LYS B 104 -5.10 -17.79 1.47
C LYS B 104 -5.01 -17.40 0.00
N ALA B 105 -5.48 -18.26 -0.88
CA ALA B 105 -5.65 -17.90 -2.28
C ALA B 105 -7.06 -17.36 -2.48
N LEU B 106 -7.20 -16.04 -2.41
CA LEU B 106 -8.49 -15.39 -2.59
C LEU B 106 -9.01 -15.56 -4.02
N PRO B 108 -7.37 -18.00 -6.77
CA PRO B 108 -6.30 -18.94 -7.11
C PRO B 108 -5.75 -18.67 -8.51
N LEU B 109 -4.48 -18.97 -8.68
CA LEU B 109 -3.80 -18.70 -9.93
C LEU B 109 -4.57 -19.32 -11.09
N GLY B 110 -4.78 -18.53 -12.12
CA GLY B 110 -5.47 -19.01 -13.31
C GLY B 110 -5.60 -17.89 -14.31
N ASP B 111 -6.35 -18.16 -15.39
CA ASP B 111 -6.57 -17.20 -16.45
C ASP B 111 -7.96 -16.62 -16.26
N TYR B 112 -8.02 -15.37 -15.81
CA TYR B 112 -9.29 -14.69 -15.55
C TYR B 112 -9.73 -13.82 -16.71
N GLY B 113 -9.06 -13.95 -17.86
CA GLY B 113 -9.55 -13.37 -19.11
C GLY B 113 -8.99 -12.01 -19.46
N PHE B 114 -8.27 -11.38 -18.55
CA PHE B 114 -7.71 -10.05 -18.80
C PHE B 114 -6.19 -10.02 -18.92
N SER B 115 -5.58 -11.17 -18.69
CA SER B 115 -4.14 -11.38 -18.84
C SER B 115 -3.93 -12.89 -19.00
N GLN B 116 -2.69 -13.29 -19.24
CA GLN B 116 -2.35 -14.72 -19.33
C GLN B 116 -2.59 -15.46 -18.01
N ARG B 117 -2.15 -14.87 -16.90
CA ARG B 117 -2.29 -15.48 -15.59
C ARG B 117 -2.47 -14.36 -14.56
N PHE B 118 -3.26 -14.66 -13.55
CA PHE B 118 -3.46 -13.77 -12.42
C PHE B 118 -3.76 -14.58 -11.18
N ALA B 119 -3.33 -14.06 -10.02
CA ALA B 119 -3.68 -14.63 -8.74
C ALA B 119 -3.85 -13.49 -7.74
N TRP B 120 -4.71 -13.69 -6.78
CA TRP B 120 -4.84 -12.81 -5.62
C TRP B 120 -4.65 -13.62 -4.36
N LEU B 121 -3.55 -13.37 -3.65
CA LEU B 121 -3.18 -14.11 -2.44
C LEU B 121 -3.22 -13.18 -1.24
N ALA B 122 -3.59 -13.70 -0.09
CA ALA B 122 -3.27 -13.04 1.17
C ALA B 122 -2.18 -13.90 1.80
N ASP B 123 -1.05 -13.28 2.11
CA ASP B 123 0.09 -14.03 2.59
C ASP B 123 -0.05 -14.42 4.06
N ARG B 124 0.97 -15.07 4.59
CA ARG B 124 0.95 -15.58 5.94
C ARG B 124 0.89 -14.47 7.00
N PHE B 125 1.20 -13.23 6.59
CA PHE B 125 1.09 -12.06 7.47
C PHE B 125 -0.23 -11.32 7.25
N GLY B 126 -1.03 -11.79 6.30
CA GLY B 126 -2.31 -11.21 5.95
C GLY B 126 -2.31 -10.19 4.82
N VAL B 127 -1.15 -9.88 4.25
CA VAL B 127 -1.02 -8.83 3.25
C VAL B 127 -1.48 -9.37 1.88
N SER B 128 -2.27 -8.57 1.15
CA SER B 128 -2.75 -8.93 -0.17
C SER B 128 -1.71 -8.64 -1.23
N TRP B 129 -1.53 -9.65 -2.07
CA TRP B 129 -0.63 -9.63 -3.22
C TRP B 129 -1.44 -10.04 -4.45
N GLN B 130 -1.46 -9.15 -5.45
CA GLN B 130 -1.97 -9.48 -6.76
C GLN B 130 -0.79 -9.78 -7.68
N LEU B 131 -0.84 -10.93 -8.37
CA LEU B 131 0.21 -11.31 -9.30
C LEU B 131 -0.37 -11.34 -10.68
N ASN B 132 0.26 -10.64 -11.63
CA ASN B 132 -0.27 -10.55 -13.00
C ASN B 132 0.83 -10.90 -13.99
N LEU B 133 0.49 -11.75 -14.96
CA LEU B 133 1.40 -12.08 -16.06
C LEU B 133 0.72 -11.60 -17.33
N ALA B 134 1.18 -10.50 -17.89
CA ALA B 134 0.58 -9.93 -19.08
C ALA B 134 0.92 -10.78 -20.31
N GLY B 135 -0.03 -10.86 -21.23
CA GLY B 135 0.29 -11.21 -22.62
C GLY B 135 1.01 -10.04 -23.27
#